data_3C6E
#
_entry.id   3C6E
#
_cell.length_a   71.104
_cell.length_b   108.366
_cell.length_c   108.956
_cell.angle_alpha   90.00
_cell.angle_beta   90.00
_cell.angle_gamma   90.00
#
_symmetry.space_group_name_H-M   'P 21 21 2'
#
loop_
_entity.id
_entity.type
_entity.pdbx_description
1 polymer 'Envelope protein E'
2 polymer prM
3 branched alpha-D-mannopyranose-(1-3)-alpha-D-mannopyranose-(1-4)-2-acetamido-2-deoxy-alpha-D-glucopyranose-(1-4)-2-acetamido-2-deoxy-beta-D-glucopyranose
4 non-polymer 2-acetamido-2-deoxy-alpha-D-glucopyranose
5 non-polymer 2-acetamido-2-deoxy-beta-D-glucopyranose
6 water water
#
loop_
_entity_poly.entity_id
_entity_poly.type
_entity_poly.pdbx_seq_one_letter_code
_entity_poly.pdbx_strand_id
1 'polypeptide(L)'
;GENLYFQGMRCIGMSNRDFVEGVSGGSWVDIVLEHGSCVTTMAKNKPTLDFELIKTEAKQPATLRKYCIEAKLTNTTTES
RCPTQGEPSLNEEQDKRFVCKHSMVDRGWGNGCGLFGKGGIVTCAMFRCKKNMEGKVVQPENLEYTIVITPHSGEEHAVG
NDTGKHGKEIKITPQSSITEAELTGYGTVTMECSPRTGLDFNEMVLLQMENKAWLVHRQWFLDLPLPWLPGADTQGSNWI
QKETLVTFKNPHAKKQDVVVLGSQEGAMHTALTGATEIQMSSGNLLFTGHLKCRLRMDKLQLKGMSYSMCTGKFKVVKEI
AETQHGTIVIRVQYEGDGSPCKIPFEIMDLEKRHVLGRLITVNPIVTEKDSPVNIEAEPPFGDSYIIIGVEPGQLKLNWF
KK
;
A
2 'polypeptide(L)'
;FHLTTRNGEPHMIVSRQEKGKSLLFKTEDGVNMCTLMAMDLGELCEDTITYKCPLLRQNEPEDIDCWCNSTSTWVTYGTC
TTMGEHSTEKSSVALVPHVGMGLETRTETWMSSEGAWKHVQRIETWILRH
;
C
#
loop_
_chem_comp.id
_chem_comp.type
_chem_comp.name
_chem_comp.formula
MAN D-saccharide, alpha linking alpha-D-mannopyranose 'C6 H12 O6'
NAG D-saccharide, beta linking 2-acetamido-2-deoxy-beta-D-glucopyranose 'C8 H15 N O6'
NDG D-saccharide, alpha linking 2-acetamido-2-deoxy-alpha-D-glucopyranose 'C8 H15 N O6'
#
# COMPACT_ATOMS: atom_id res chain seq x y z
N TYR A 5 31.50 -6.69 -2.99
CA TYR A 5 32.02 -7.93 -3.63
C TYR A 5 32.38 -9.06 -2.67
N PHE A 6 32.44 -8.78 -1.36
CA PHE A 6 32.76 -9.85 -0.41
C PHE A 6 31.72 -9.95 0.71
N GLN A 7 31.61 -11.13 1.32
CA GLN A 7 30.63 -11.40 2.36
C GLN A 7 30.91 -10.73 3.70
N GLY A 8 30.08 -9.76 4.07
CA GLY A 8 30.26 -9.05 5.31
C GLY A 8 30.67 -7.62 5.04
N MET A 9 30.75 -7.28 3.76
CA MET A 9 31.15 -5.94 3.35
C MET A 9 30.05 -4.91 3.61
N ARG A 10 28.80 -5.31 3.39
CA ARG A 10 27.70 -4.39 3.57
C ARG A 10 27.77 -3.71 4.93
N CYS A 11 27.96 -4.49 5.99
CA CYS A 11 28.01 -3.93 7.34
C CYS A 11 29.25 -3.09 7.58
N ILE A 12 30.36 -3.45 6.94
CA ILE A 12 31.60 -2.70 7.11
C ILE A 12 31.45 -1.32 6.49
N GLY A 13 30.67 -1.24 5.41
CA GLY A 13 30.47 0.02 4.73
C GLY A 13 29.43 0.91 5.38
N MET A 14 28.80 0.40 6.43
CA MET A 14 27.79 1.21 7.11
C MET A 14 28.40 2.06 8.21
N SER A 15 27.89 3.28 8.35
CA SER A 15 28.39 4.18 9.37
C SER A 15 27.82 3.79 10.74
N ASN A 16 26.57 3.33 10.75
CA ASN A 16 25.95 2.90 11.99
C ASN A 16 26.16 1.40 12.18
N ARG A 17 27.19 1.05 12.93
CA ARG A 17 27.53 -0.34 13.17
C ARG A 17 27.89 -0.56 14.65
N ASP A 18 27.16 -1.46 15.31
CA ASP A 18 27.42 -1.80 16.71
C ASP A 18 28.19 -3.11 16.83
N PHE A 19 29.12 -3.18 17.78
CA PHE A 19 29.87 -4.40 18.02
C PHE A 19 29.41 -4.94 19.36
N VAL A 20 28.84 -6.14 19.34
CA VAL A 20 28.35 -6.75 20.56
C VAL A 20 29.04 -8.07 20.83
N GLU A 21 29.25 -8.39 22.10
CA GLU A 21 29.89 -9.64 22.47
C GLU A 21 29.32 -10.15 23.80
N GLY A 22 29.15 -11.47 23.92
CA GLY A 22 28.61 -12.02 25.14
C GLY A 22 29.62 -12.14 26.26
N VAL A 23 29.29 -11.64 27.45
CA VAL A 23 30.19 -11.70 28.60
C VAL A 23 30.14 -13.07 29.30
N SER A 24 29.37 -13.99 28.74
CA SER A 24 29.24 -15.32 29.31
C SER A 24 29.42 -16.37 28.21
N GLY A 25 28.99 -17.59 28.47
CA GLY A 25 29.10 -18.65 27.49
C GLY A 25 27.78 -19.40 27.44
N GLY A 26 27.20 -19.51 26.25
CA GLY A 26 25.93 -20.18 26.13
C GLY A 26 24.81 -19.25 26.55
N SER A 27 25.20 -18.05 26.99
CA SER A 27 24.23 -17.05 27.45
C SER A 27 23.56 -16.34 26.28
N TRP A 28 22.57 -15.52 26.59
CA TRP A 28 21.88 -14.73 25.57
C TRP A 28 22.62 -13.40 25.45
N VAL A 29 22.65 -12.87 24.24
CA VAL A 29 23.28 -11.57 24.01
C VAL A 29 22.19 -10.66 23.44
N ASP A 30 22.10 -9.46 23.97
CA ASP A 30 21.08 -8.52 23.47
C ASP A 30 21.65 -7.60 22.39
N ILE A 31 20.81 -7.27 21.42
CA ILE A 31 21.21 -6.36 20.36
C ILE A 31 19.99 -5.55 19.98
N VAL A 32 20.24 -4.36 19.42
CA VAL A 32 19.17 -3.48 18.99
C VAL A 32 19.27 -3.32 17.48
N LEU A 33 18.20 -3.64 16.76
CA LEU A 33 18.19 -3.53 15.31
C LEU A 33 17.41 -2.32 14.84
N GLU A 34 17.99 -1.57 13.91
CA GLU A 34 17.40 -0.37 13.34
C GLU A 34 17.58 -0.37 11.82
N HIS A 35 16.69 0.31 11.10
CA HIS A 35 16.79 0.41 9.64
C HIS A 35 17.99 1.27 9.32
N GLY A 36 18.83 0.81 8.39
CA GLY A 36 20.01 1.56 8.02
C GLY A 36 21.24 1.31 8.87
N SER A 37 21.11 0.42 9.86
CA SER A 37 22.24 0.11 10.72
C SER A 37 22.47 -1.38 10.72
N CYS A 38 23.57 -1.82 11.30
CA CYS A 38 23.83 -3.24 11.40
C CYS A 38 24.56 -3.50 12.70
N VAL A 39 24.49 -4.74 13.15
CA VAL A 39 25.14 -5.13 14.38
C VAL A 39 26.02 -6.34 14.10
N THR A 40 27.26 -6.27 14.57
CA THR A 40 28.21 -7.37 14.41
C THR A 40 28.41 -8.04 15.75
N THR A 41 28.16 -9.34 15.81
CA THR A 41 28.35 -10.07 17.06
C THR A 41 29.57 -10.98 16.99
N MET A 42 30.23 -11.11 18.13
CA MET A 42 31.41 -11.95 18.22
C MET A 42 31.42 -12.77 19.51
N ALA A 43 32.08 -13.91 19.46
CA ALA A 43 32.18 -14.76 20.63
C ALA A 43 33.35 -15.71 20.41
N LYS A 44 33.96 -16.13 21.51
CA LYS A 44 35.10 -17.04 21.49
C LYS A 44 34.74 -18.32 20.76
N ASN A 45 35.55 -18.68 19.76
CA ASN A 45 35.32 -19.90 18.98
C ASN A 45 33.99 -19.99 18.26
N LYS A 46 33.45 -18.85 17.90
CA LYS A 46 32.18 -18.77 17.21
C LYS A 46 32.38 -17.82 16.03
N PRO A 47 31.65 -18.03 14.93
CA PRO A 47 31.87 -17.09 13.83
C PRO A 47 31.25 -15.75 14.18
N THR A 48 31.75 -14.71 13.54
CA THR A 48 31.27 -13.37 13.74
C THR A 48 30.11 -13.25 12.77
N LEU A 49 29.00 -12.68 13.23
CA LEU A 49 27.81 -12.51 12.42
C LEU A 49 27.37 -11.05 12.26
N ASP A 50 26.70 -10.77 11.15
CA ASP A 50 26.18 -9.43 10.89
C ASP A 50 24.65 -9.53 10.86
N PHE A 51 24.00 -8.58 11.53
CA PHE A 51 22.55 -8.52 11.59
C PHE A 51 22.01 -7.19 11.07
N GLU A 52 21.00 -7.25 10.22
CA GLU A 52 20.38 -6.06 9.68
C GLU A 52 18.87 -6.22 9.53
N LEU A 53 18.14 -5.21 9.96
CA LEU A 53 16.69 -5.22 9.80
C LEU A 53 16.44 -4.46 8.50
N ILE A 54 16.07 -5.17 7.43
CA ILE A 54 15.86 -4.51 6.14
C ILE A 54 14.42 -4.14 5.78
N LYS A 55 13.44 -4.91 6.24
CA LYS A 55 12.06 -4.56 5.92
C LYS A 55 11.09 -4.70 7.09
N THR A 56 10.10 -3.81 7.11
CA THR A 56 9.07 -3.80 8.14
C THR A 56 7.76 -3.46 7.43
N GLU A 57 6.93 -4.46 7.19
CA GLU A 57 5.67 -4.22 6.50
C GLU A 57 4.46 -4.91 7.12
N ALA A 58 3.31 -4.26 6.95
CA ALA A 58 2.06 -4.80 7.46
C ALA A 58 1.47 -5.63 6.32
N LYS A 59 1.06 -6.86 6.64
CA LYS A 59 0.47 -7.73 5.65
C LYS A 59 -1.03 -7.85 5.88
N GLN A 60 -1.79 -7.58 4.82
CA GLN A 60 -3.24 -7.63 4.84
C GLN A 60 -3.90 -7.06 6.10
N PRO A 61 -3.70 -5.76 6.37
CA PRO A 61 -4.30 -5.12 7.54
C PRO A 61 -5.78 -4.88 7.31
N ALA A 62 -6.57 -4.93 8.38
CA ALA A 62 -8.02 -4.76 8.29
C ALA A 62 -8.44 -3.45 7.60
N THR A 63 -9.34 -3.59 6.62
CA THR A 63 -9.87 -2.44 5.89
C THR A 63 -11.03 -1.84 6.70
N LEU A 64 -10.87 -0.58 7.07
CA LEU A 64 -11.88 0.10 7.86
C LEU A 64 -13.06 0.64 7.05
N ARG A 65 -12.77 1.45 6.05
CA ARG A 65 -13.83 2.05 5.26
C ARG A 65 -13.37 2.42 3.86
N LYS A 66 -14.22 2.15 2.88
CA LYS A 66 -13.94 2.49 1.49
C LYS A 66 -14.68 3.78 1.14
N TYR A 67 -13.96 4.79 0.70
CA TYR A 67 -14.58 6.05 0.31
C TYR A 67 -14.58 6.23 -1.19
N CYS A 68 -15.73 6.58 -1.73
CA CYS A 68 -15.83 6.82 -3.15
C CYS A 68 -15.37 8.27 -3.38
N ILE A 69 -14.52 8.50 -4.38
CA ILE A 69 -14.05 9.87 -4.64
C ILE A 69 -14.41 10.37 -6.03
N GLU A 70 -15.08 9.53 -6.80
CA GLU A 70 -15.50 9.88 -8.14
C GLU A 70 -16.61 8.94 -8.58
N ALA A 71 -17.71 9.50 -9.06
CA ALA A 71 -18.83 8.68 -9.47
C ALA A 71 -19.54 9.19 -10.70
N LYS A 72 -20.46 8.36 -11.19
CA LYS A 72 -21.27 8.71 -12.34
C LYS A 72 -22.72 8.42 -11.98
N LEU A 73 -23.64 9.01 -12.72
CA LEU A 73 -25.06 8.80 -12.50
C LEU A 73 -25.70 8.30 -13.78
N THR A 74 -26.68 7.42 -13.65
CA THR A 74 -27.40 6.90 -14.80
C THR A 74 -28.86 6.73 -14.40
N ASN A 75 -29.70 6.43 -15.39
CA ASN A 75 -31.14 6.23 -15.18
C ASN A 75 -31.74 7.11 -14.08
N THR A 76 -31.78 8.41 -14.35
CA THR A 76 -32.37 9.34 -13.41
C THR A 76 -33.88 9.29 -13.68
N THR A 77 -34.66 9.07 -12.62
CA THR A 77 -36.11 8.98 -12.78
C THR A 77 -36.88 9.87 -11.81
N THR A 78 -37.93 10.50 -12.32
CA THR A 78 -38.72 11.41 -11.48
C THR A 78 -40.20 11.04 -11.42
N GLU A 79 -40.78 11.22 -10.23
CA GLU A 79 -42.19 10.93 -10.00
C GLU A 79 -42.73 12.04 -9.10
N SER A 80 -43.95 12.50 -9.36
CA SER A 80 -44.52 13.55 -8.53
C SER A 80 -46.04 13.48 -8.47
N ARG A 81 -46.60 13.90 -7.33
CA ARG A 81 -48.06 13.90 -7.17
C ARG A 81 -48.63 15.29 -6.95
N CYS A 82 -49.93 15.43 -7.18
CA CYS A 82 -50.62 16.70 -7.04
C CYS A 82 -50.81 17.09 -5.59
N PRO A 83 -51.15 18.37 -5.34
CA PRO A 83 -51.35 18.77 -3.94
C PRO A 83 -52.51 17.92 -3.42
N THR A 84 -52.41 17.47 -2.17
CA THR A 84 -53.48 16.66 -1.57
C THR A 84 -53.35 15.14 -1.67
N GLN A 85 -52.51 14.64 -2.57
CA GLN A 85 -52.43 13.20 -2.73
C GLN A 85 -51.20 12.48 -2.16
N GLY A 86 -50.69 12.98 -1.04
CA GLY A 86 -49.55 12.36 -0.39
C GLY A 86 -48.22 12.33 -1.11
N GLU A 87 -47.24 11.68 -0.47
CA GLU A 87 -45.88 11.55 -0.97
C GLU A 87 -45.72 10.47 -2.03
N PRO A 88 -45.21 10.84 -3.22
CA PRO A 88 -45.02 9.87 -4.30
C PRO A 88 -43.88 8.93 -3.94
N SER A 89 -43.73 7.86 -4.70
CA SER A 89 -42.66 6.92 -4.42
C SER A 89 -42.23 6.19 -5.66
N LEU A 90 -41.00 5.68 -5.62
CA LEU A 90 -40.43 4.92 -6.73
C LEU A 90 -39.84 3.68 -6.07
N ASN A 91 -40.05 2.52 -6.68
CA ASN A 91 -39.53 1.29 -6.10
C ASN A 91 -38.01 1.28 -6.04
N GLU A 92 -37.35 1.95 -6.98
CA GLU A 92 -35.89 2.00 -6.97
C GLU A 92 -35.42 2.75 -5.73
N GLU A 93 -36.36 3.31 -5.00
CA GLU A 93 -36.05 4.03 -3.77
C GLU A 93 -35.71 2.99 -2.71
N GLN A 94 -35.85 1.73 -3.08
CA GLN A 94 -35.57 0.58 -2.20
C GLN A 94 -34.31 -0.15 -2.68
N ASP A 95 -33.78 0.28 -3.82
CA ASP A 95 -32.59 -0.30 -4.41
C ASP A 95 -31.40 0.51 -3.89
N LYS A 96 -30.56 -0.13 -3.09
CA LYS A 96 -29.41 0.53 -2.47
C LYS A 96 -28.37 1.15 -3.43
N ARG A 97 -28.50 0.91 -4.72
CA ARG A 97 -27.56 1.48 -5.68
C ARG A 97 -27.98 2.89 -6.13
N PHE A 98 -29.17 3.33 -5.71
CA PHE A 98 -29.66 4.65 -6.11
C PHE A 98 -29.58 5.72 -5.03
N VAL A 99 -29.51 6.96 -5.47
CA VAL A 99 -29.47 8.09 -4.56
C VAL A 99 -30.81 8.74 -4.89
N CYS A 100 -31.55 9.11 -3.85
CA CYS A 100 -32.86 9.72 -4.06
C CYS A 100 -33.09 10.88 -3.11
N LYS A 101 -34.04 11.75 -3.47
CA LYS A 101 -34.36 12.88 -2.64
C LYS A 101 -35.86 13.14 -2.73
N HIS A 102 -36.45 13.60 -1.64
CA HIS A 102 -37.87 13.91 -1.65
C HIS A 102 -37.94 15.42 -1.52
N SER A 103 -38.87 16.03 -2.26
CA SER A 103 -39.05 17.47 -2.23
C SER A 103 -40.49 17.83 -2.51
N MET A 104 -40.76 19.13 -2.56
CA MET A 104 -42.09 19.65 -2.83
C MET A 104 -41.90 20.62 -3.99
N VAL A 105 -42.86 20.66 -4.90
CA VAL A 105 -42.77 21.57 -6.04
C VAL A 105 -44.17 22.08 -6.37
N ASP A 106 -44.25 23.30 -6.89
CA ASP A 106 -45.54 23.88 -7.24
C ASP A 106 -46.17 23.03 -8.32
N ARG A 107 -47.49 22.91 -8.27
CA ARG A 107 -48.24 22.14 -9.25
C ARG A 107 -49.49 22.94 -9.61
N GLY A 108 -50.28 22.47 -10.57
CA GLY A 108 -51.47 23.22 -10.95
C GLY A 108 -52.06 22.77 -12.28
N TRP A 109 -53.01 23.55 -12.79
CA TRP A 109 -53.67 23.20 -14.05
C TRP A 109 -52.71 23.07 -15.21
N GLY A 110 -51.65 23.85 -15.19
CA GLY A 110 -50.67 23.80 -16.27
C GLY A 110 -49.89 22.50 -16.36
N ASN A 111 -49.91 21.68 -15.32
CA ASN A 111 -49.18 20.42 -15.38
C ASN A 111 -49.95 19.21 -14.92
N GLY A 112 -51.25 19.20 -15.15
CA GLY A 112 -52.06 18.05 -14.82
C GLY A 112 -52.73 17.93 -13.47
N CYS A 113 -52.75 19.00 -12.67
CA CYS A 113 -53.39 18.91 -11.36
C CYS A 113 -54.66 19.73 -11.27
N GLY A 114 -55.59 19.28 -10.44
CA GLY A 114 -56.84 19.99 -10.28
C GLY A 114 -56.70 21.25 -9.44
N LEU A 115 -55.84 21.18 -8.43
CA LEU A 115 -55.57 22.27 -7.50
C LEU A 115 -54.21 22.89 -7.68
N PHE A 116 -54.09 24.17 -7.34
CA PHE A 116 -52.79 24.82 -7.39
C PHE A 116 -52.28 24.65 -5.97
N GLY A 117 -50.99 24.35 -5.84
CA GLY A 117 -50.42 24.17 -4.52
C GLY A 117 -49.18 23.30 -4.62
N LYS A 118 -48.52 23.08 -3.49
CA LYS A 118 -47.32 22.27 -3.47
C LYS A 118 -47.66 20.78 -3.58
N GLY A 119 -46.84 20.07 -4.36
CA GLY A 119 -47.04 18.65 -4.54
C GLY A 119 -45.77 17.91 -4.20
N GLY A 120 -45.91 16.61 -3.92
CA GLY A 120 -44.73 15.82 -3.59
C GLY A 120 -44.03 15.27 -4.82
N ILE A 121 -42.71 15.41 -4.85
CA ILE A 121 -41.92 14.92 -5.97
C ILE A 121 -40.72 14.15 -5.43
N VAL A 122 -40.30 13.15 -6.18
CA VAL A 122 -39.17 12.31 -5.78
C VAL A 122 -38.33 11.98 -7.02
N THR A 123 -37.01 11.96 -6.85
CA THR A 123 -36.11 11.71 -7.96
C THR A 123 -35.00 10.75 -7.55
N CYS A 124 -34.69 9.78 -8.38
CA CYS A 124 -33.62 8.84 -8.06
C CYS A 124 -32.72 8.66 -9.27
N ALA A 125 -31.46 8.37 -9.00
CA ALA A 125 -30.47 8.16 -10.05
C ALA A 125 -29.57 7.03 -9.57
N MET A 126 -29.19 6.15 -10.47
CA MET A 126 -28.31 5.06 -10.08
C MET A 126 -26.94 5.70 -9.86
N PHE A 127 -26.30 5.34 -8.76
CA PHE A 127 -24.99 5.85 -8.39
C PHE A 127 -23.94 4.80 -8.66
N ARG A 128 -22.97 5.14 -9.51
CA ARG A 128 -21.89 4.21 -9.87
C ARG A 128 -20.52 4.81 -9.55
N CYS A 129 -19.85 4.25 -8.54
CA CYS A 129 -18.54 4.74 -8.14
C CYS A 129 -17.51 4.32 -9.19
N LYS A 130 -16.66 5.28 -9.60
CA LYS A 130 -15.65 5.01 -10.62
C LYS A 130 -14.22 4.98 -10.07
N LYS A 131 -14.02 5.57 -8.90
CA LYS A 131 -12.70 5.62 -8.29
C LYS A 131 -12.88 5.86 -6.80
N ASN A 132 -12.31 4.96 -6.00
CA ASN A 132 -12.43 5.05 -4.55
C ASN A 132 -11.07 4.92 -3.89
N MET A 133 -11.05 5.23 -2.60
CA MET A 133 -9.85 5.11 -1.80
C MET A 133 -10.25 4.32 -0.56
N GLU A 134 -9.29 3.70 0.11
CA GLU A 134 -9.59 2.94 1.31
C GLU A 134 -8.58 3.15 2.42
N GLY A 135 -9.08 3.28 3.64
CA GLY A 135 -8.21 3.48 4.78
C GLY A 135 -8.12 2.17 5.55
N LYS A 136 -6.91 1.80 5.92
CA LYS A 136 -6.72 0.56 6.66
C LYS A 136 -6.19 0.78 8.06
N VAL A 137 -6.40 -0.23 8.91
CA VAL A 137 -5.93 -0.16 10.29
C VAL A 137 -4.81 -1.19 10.47
N VAL A 138 -3.63 -0.70 10.80
CA VAL A 138 -2.47 -1.54 11.01
C VAL A 138 -2.35 -1.96 12.47
N GLN A 139 -2.38 -3.27 12.71
CA GLN A 139 -2.24 -3.80 14.08
C GLN A 139 -0.76 -4.05 14.37
N PRO A 140 -0.28 -3.66 15.55
CA PRO A 140 1.12 -3.86 15.91
C PRO A 140 1.53 -5.30 15.62
N GLU A 141 0.64 -6.23 15.95
CA GLU A 141 0.89 -7.64 15.67
C GLU A 141 0.68 -7.76 14.16
N ASN A 142 0.93 -8.93 13.60
CA ASN A 142 0.75 -9.09 12.16
C ASN A 142 1.68 -8.18 11.36
N LEU A 143 2.56 -7.46 12.04
CA LEU A 143 3.55 -6.64 11.35
C LEU A 143 4.65 -7.65 11.09
N GLU A 144 5.33 -7.56 9.96
CA GLU A 144 6.36 -8.54 9.68
C GLU A 144 7.73 -7.93 9.40
N TYR A 145 8.68 -8.22 10.27
CA TYR A 145 10.03 -7.69 10.12
C TYR A 145 10.96 -8.67 9.41
N THR A 146 11.74 -8.17 8.47
CA THR A 146 12.68 -9.02 7.73
C THR A 146 14.09 -8.72 8.24
N ILE A 147 14.78 -9.76 8.64
CA ILE A 147 16.13 -9.61 9.17
C ILE A 147 17.11 -10.51 8.44
N VAL A 148 18.24 -9.95 8.05
CA VAL A 148 19.26 -10.71 7.35
C VAL A 148 20.42 -10.98 8.29
N ILE A 149 20.82 -12.23 8.36
CA ILE A 149 21.91 -12.66 9.23
C ILE A 149 22.99 -13.13 8.28
N THR A 150 24.06 -12.33 8.18
CA THR A 150 25.17 -12.63 7.29
C THR A 150 26.44 -13.04 8.02
N PRO A 151 27.04 -14.16 7.61
CA PRO A 151 28.28 -14.65 8.24
C PRO A 151 29.43 -13.69 7.84
N HIS A 152 30.18 -13.22 8.83
CA HIS A 152 31.30 -12.30 8.58
C HIS A 152 32.53 -13.15 8.29
N SER A 153 32.66 -13.54 7.03
CA SER A 153 33.72 -14.42 6.59
C SER A 153 34.73 -13.74 5.69
N GLY A 154 34.26 -12.80 4.89
CA GLY A 154 35.12 -12.09 3.97
C GLY A 154 35.17 -12.77 2.59
N GLU A 155 34.52 -13.93 2.46
CA GLU A 155 34.47 -14.64 1.19
C GLU A 155 34.01 -13.73 0.05
N GLU A 156 34.30 -14.07 -1.19
CA GLU A 156 33.91 -13.19 -2.29
C GLU A 156 32.78 -13.56 -3.19
N HIS A 157 32.26 -12.52 -3.85
CA HIS A 157 31.21 -12.58 -4.87
C HIS A 157 31.30 -11.57 -6.01
N ALA A 158 30.93 -10.28 -5.88
CA ALA A 158 31.02 -9.30 -7.06
C ALA A 158 29.65 -8.66 -7.44
N GLY A 164 24.47 -15.92 -4.32
CA GLY A 164 25.17 -17.18 -4.13
C GLY A 164 25.80 -17.29 -2.76
N LYS A 165 25.89 -16.16 -2.05
CA LYS A 165 26.44 -16.14 -0.71
C LYS A 165 25.62 -15.24 0.21
N HIS A 166 24.33 -15.11 -0.10
CA HIS A 166 23.42 -14.32 0.72
C HIS A 166 23.47 -14.77 2.18
N GLY A 167 23.36 -13.80 3.09
CA GLY A 167 22.97 -14.10 4.46
C GLY A 167 21.56 -14.65 4.56
N LYS A 168 21.32 -15.48 5.56
CA LYS A 168 20.02 -16.06 5.79
C LYS A 168 19.01 -14.94 6.01
N GLU A 169 17.87 -15.03 5.34
CA GLU A 169 16.83 -14.04 5.50
C GLU A 169 15.75 -14.72 6.31
N ILE A 170 15.23 -14.04 7.33
CA ILE A 170 14.17 -14.61 8.15
C ILE A 170 13.11 -13.54 8.43
N LYS A 171 11.84 -13.96 8.39
CA LYS A 171 10.72 -13.04 8.62
C LYS A 171 10.03 -13.44 9.90
N ILE A 172 9.78 -12.49 10.78
CA ILE A 172 9.13 -12.80 12.03
C ILE A 172 8.02 -11.83 12.35
N THR A 173 7.19 -12.20 13.32
CA THR A 173 6.05 -11.39 13.77
C THR A 173 6.09 -11.30 15.29
N PRO A 174 5.59 -10.20 15.87
CA PRO A 174 5.64 -10.14 17.33
C PRO A 174 4.87 -11.31 17.97
N GLN A 175 4.22 -12.12 17.15
CA GLN A 175 3.47 -13.25 17.65
C GLN A 175 4.13 -14.59 17.34
N SER A 176 5.17 -14.57 16.50
CA SER A 176 5.87 -15.80 16.16
C SER A 176 6.79 -16.21 17.31
N SER A 177 7.11 -17.50 17.40
CA SER A 177 7.96 -17.98 18.47
C SER A 177 9.45 -17.81 18.16
N ILE A 178 10.30 -18.20 19.11
CA ILE A 178 11.73 -18.08 18.95
C ILE A 178 12.18 -18.75 17.65
N THR A 179 12.98 -18.03 16.89
CA THR A 179 13.47 -18.49 15.61
C THR A 179 14.80 -19.23 15.69
N GLU A 180 14.92 -20.30 14.90
CA GLU A 180 16.14 -21.06 14.81
C GLU A 180 16.59 -20.97 13.35
N ALA A 181 17.50 -20.04 13.08
CA ALA A 181 17.98 -19.83 11.72
C ALA A 181 19.22 -20.62 11.38
N GLU A 182 19.17 -21.30 10.25
CA GLU A 182 20.30 -22.11 9.81
C GLU A 182 21.21 -21.27 8.92
N LEU A 183 22.50 -21.34 9.20
CA LEU A 183 23.52 -20.67 8.42
C LEU A 183 24.38 -21.76 7.80
N THR A 184 24.17 -22.00 6.50
CA THR A 184 24.91 -23.02 5.78
C THR A 184 26.39 -23.00 6.12
N GLY A 185 26.82 -24.10 6.73
CA GLY A 185 28.21 -24.26 7.12
C GLY A 185 28.54 -23.98 8.57
N TYR A 186 27.73 -23.21 9.28
CA TYR A 186 28.08 -22.87 10.66
C TYR A 186 27.15 -23.40 11.74
N GLY A 187 25.98 -23.87 11.32
CA GLY A 187 25.01 -24.37 12.28
C GLY A 187 23.78 -23.49 12.29
N THR A 188 23.19 -23.27 13.46
CA THR A 188 22.01 -22.42 13.54
C THR A 188 22.21 -21.39 14.61
N VAL A 189 21.46 -20.31 14.52
CA VAL A 189 21.55 -19.25 15.52
C VAL A 189 20.12 -19.12 15.98
N THR A 190 19.92 -18.94 17.29
CA THR A 190 18.57 -18.82 17.80
C THR A 190 18.35 -17.42 18.31
N MET A 191 17.22 -16.83 17.91
CA MET A 191 16.92 -15.46 18.35
C MET A 191 15.43 -15.18 18.48
N GLU A 192 15.10 -14.21 19.32
CA GLU A 192 13.72 -13.79 19.54
C GLU A 192 13.69 -12.27 19.57
N CYS A 193 12.66 -11.68 18.98
CA CYS A 193 12.58 -10.23 18.94
C CYS A 193 11.29 -9.64 19.47
N SER A 194 11.36 -8.37 19.84
CA SER A 194 10.21 -7.65 20.34
C SER A 194 10.18 -6.31 19.61
N PRO A 195 8.99 -5.91 19.12
CA PRO A 195 8.80 -4.64 18.41
C PRO A 195 9.00 -3.46 19.33
N ARG A 196 9.71 -3.67 20.43
CA ARG A 196 9.92 -2.63 21.42
C ARG A 196 9.91 -1.21 20.86
N THR A 197 8.87 -0.48 21.27
CA THR A 197 8.61 0.89 20.87
C THR A 197 9.49 1.44 19.77
N LEU A 199 6.27 3.39 17.49
CA LEU A 199 5.33 2.94 16.46
C LEU A 199 3.90 2.90 17.01
N ASP A 200 3.04 3.79 16.53
CA ASP A 200 1.65 3.86 17.00
C ASP A 200 0.65 3.46 15.91
N PHE A 201 -0.46 2.86 16.32
CA PHE A 201 -1.51 2.41 15.41
C PHE A 201 -2.84 2.27 16.13
N GLU A 203 -4.31 5.33 17.82
CA GLU A 203 -5.52 5.47 17.00
C GLU A 203 -5.24 6.25 15.73
N MET A 204 -4.67 5.57 14.74
CA MET A 204 -4.38 6.19 13.45
C MET A 204 -4.93 5.31 12.34
N VAL A 205 -4.80 5.78 11.10
CA VAL A 205 -5.31 5.06 9.95
C VAL A 205 -4.39 5.29 8.75
N LEU A 206 -4.35 4.31 7.85
CA LEU A 206 -3.53 4.45 6.65
C LEU A 206 -4.38 4.53 5.39
N LEU A 207 -4.41 5.73 4.82
CA LEU A 207 -5.17 6.06 3.62
C LEU A 207 -4.48 5.68 2.32
N GLN A 208 -5.17 4.92 1.47
CA GLN A 208 -4.61 4.52 0.20
C GLN A 208 -5.35 5.10 -1.02
N MET A 209 -4.68 6.00 -1.73
CA MET A 209 -5.22 6.60 -2.93
C MET A 209 -4.48 6.12 -4.17
N GLU A 210 -4.84 4.94 -4.63
CA GLU A 210 -4.24 4.36 -5.82
C GLU A 210 -2.73 4.15 -5.70
N ASN A 211 -2.35 3.14 -4.93
CA ASN A 211 -0.95 2.77 -4.72
C ASN A 211 -0.06 3.78 -4.00
N LYS A 212 -0.64 4.87 -3.53
CA LYS A 212 0.12 5.88 -2.80
C LYS A 212 -0.63 6.00 -1.47
N ALA A 213 0.08 5.86 -0.35
CA ALA A 213 -0.56 5.93 0.95
C ALA A 213 -0.07 7.01 1.89
N TRP A 214 -0.85 7.26 2.94
CA TRP A 214 -0.56 8.27 3.95
C TRP A 214 -1.03 7.75 5.30
N LEU A 215 -0.46 8.28 6.37
CA LEU A 215 -0.87 7.92 7.72
C LEU A 215 -1.71 9.09 8.18
N VAL A 216 -2.96 8.83 8.53
CA VAL A 216 -3.86 9.91 8.97
C VAL A 216 -4.52 9.57 10.30
N HIS A 217 -4.93 10.60 11.04
CA HIS A 217 -5.57 10.37 12.32
C HIS A 217 -6.99 9.88 12.10
N ARG A 218 -7.50 9.11 13.05
CA ARG A 218 -8.86 8.60 12.95
C ARG A 218 -9.80 9.76 13.28
N GLN A 219 -11.11 9.52 13.16
CA GLN A 219 -12.10 10.56 13.44
C GLN A 219 -12.03 11.68 12.41
N TRP A 220 -10.98 11.68 11.61
CA TRP A 220 -10.83 12.67 10.55
C TRP A 220 -11.19 11.87 9.30
N PHE A 221 -10.67 10.66 9.26
CA PHE A 221 -10.92 9.74 8.18
C PHE A 221 -12.41 9.39 8.23
N LEU A 222 -12.90 9.14 9.43
CA LEU A 222 -14.29 8.78 9.68
C LEU A 222 -15.28 9.94 9.47
N ASP A 223 -14.75 11.16 9.43
CA ASP A 223 -15.60 12.33 9.25
C ASP A 223 -15.65 12.81 7.81
N LEU A 224 -14.75 12.29 6.97
CA LEU A 224 -14.71 12.68 5.57
C LEU A 224 -16.10 12.66 4.93
N PRO A 225 -16.50 13.78 4.31
CA PRO A 225 -17.80 13.89 3.65
C PRO A 225 -17.74 13.28 2.25
N LEU A 226 -17.79 11.96 2.20
CA LEU A 226 -17.75 11.25 0.93
C LEU A 226 -18.52 9.97 1.09
N PRO A 227 -19.05 9.43 -0.01
CA PRO A 227 -19.80 8.18 0.09
C PRO A 227 -18.84 7.08 0.54
N TRP A 228 -19.32 6.16 1.39
CA TRP A 228 -18.46 5.09 1.88
C TRP A 228 -19.18 3.77 2.06
N LEU A 229 -18.41 2.74 2.33
CA LEU A 229 -18.93 1.40 2.56
C LEU A 229 -18.15 0.74 3.69
N PRO A 230 -18.83 -0.03 4.54
CA PRO A 230 -18.12 -0.69 5.64
C PRO A 230 -16.99 -1.54 5.05
N GLY A 231 -15.84 -1.54 5.73
CA GLY A 231 -14.69 -2.30 5.26
C GLY A 231 -14.92 -3.69 4.69
N ALA A 232 -15.68 -4.51 5.39
CA ALA A 232 -15.93 -5.88 4.96
C ALA A 232 -16.92 -6.05 3.81
N ASP A 233 -16.84 -5.18 2.80
CA ASP A 233 -17.75 -5.24 1.67
C ASP A 233 -17.04 -5.77 0.43
N THR A 234 -17.82 -6.18 -0.57
CA THR A 234 -17.27 -6.68 -1.81
C THR A 234 -18.22 -6.35 -2.95
N GLN A 235 -19.42 -5.93 -2.60
CA GLN A 235 -20.41 -5.55 -3.61
C GLN A 235 -19.90 -4.27 -4.25
N GLY A 236 -19.57 -3.29 -3.42
CA GLY A 236 -19.07 -2.02 -3.91
C GLY A 236 -20.17 -1.20 -4.56
N SER A 237 -21.42 -1.52 -4.21
CA SER A 237 -22.56 -0.84 -4.78
C SER A 237 -23.41 -0.02 -3.81
N ASN A 238 -23.70 -0.58 -2.64
CA ASN A 238 -24.55 0.06 -1.64
C ASN A 238 -24.01 1.23 -0.81
N TRP A 239 -23.34 2.16 -1.48
CA TRP A 239 -22.75 3.32 -0.83
C TRP A 239 -23.62 4.09 0.16
N ILE A 240 -22.97 4.57 1.21
CA ILE A 240 -23.62 5.33 2.27
C ILE A 240 -23.33 6.82 2.10
N GLN A 241 -24.37 7.63 2.21
CA GLN A 241 -24.31 9.09 2.06
C GLN A 241 -23.77 9.52 0.69
N LYS A 242 -24.46 9.03 -0.34
CA LYS A 242 -24.13 9.34 -1.72
C LYS A 242 -24.38 10.82 -2.01
N GLU A 243 -25.33 11.42 -1.28
CA GLU A 243 -25.65 12.84 -1.49
C GLU A 243 -24.42 13.73 -1.37
N THR A 244 -23.36 13.22 -0.76
CA THR A 244 -22.14 14.00 -0.63
C THR A 244 -21.53 14.30 -2.01
N LEU A 245 -21.74 13.43 -2.98
CA LEU A 245 -21.23 13.65 -4.34
C LEU A 245 -22.36 13.93 -5.32
N VAL A 246 -23.55 14.16 -4.79
CA VAL A 246 -24.69 14.41 -5.66
C VAL A 246 -25.39 15.70 -5.30
N THR A 247 -25.89 16.38 -6.32
CA THR A 247 -26.61 17.62 -6.10
C THR A 247 -27.92 17.53 -6.86
N PHE A 248 -29.00 17.82 -6.16
CA PHE A 248 -30.32 17.81 -6.77
C PHE A 248 -30.71 19.27 -7.02
N LYS A 249 -30.89 19.63 -8.29
CA LYS A 249 -31.29 20.98 -8.67
C LYS A 249 -32.72 21.20 -8.20
N ASN A 250 -33.17 22.46 -8.23
CA ASN A 250 -34.55 22.76 -7.83
C ASN A 250 -35.43 21.97 -8.77
N PRO A 251 -36.46 21.32 -8.22
CA PRO A 251 -37.35 20.52 -9.06
C PRO A 251 -38.33 21.33 -9.92
N HIS A 252 -38.97 20.63 -10.86
CA HIS A 252 -39.97 21.21 -11.72
C HIS A 252 -41.18 20.31 -11.53
N ALA A 253 -42.34 20.76 -11.97
CA ALA A 253 -43.56 19.99 -11.83
C ALA A 253 -43.44 18.48 -12.06
N LYS A 254 -42.74 18.07 -13.11
CA LYS A 254 -42.63 16.65 -13.42
C LYS A 254 -41.23 16.08 -13.60
N LYS A 255 -40.21 16.94 -13.59
CA LYS A 255 -38.84 16.46 -13.75
C LYS A 255 -37.92 17.27 -12.87
N GLN A 256 -36.75 16.69 -12.62
CA GLN A 256 -35.75 17.32 -11.77
C GLN A 256 -34.40 16.82 -12.24
N ASP A 257 -33.43 17.72 -12.31
CA ASP A 257 -32.11 17.32 -12.74
C ASP A 257 -31.24 16.95 -11.56
N VAL A 258 -30.32 16.02 -11.78
CA VAL A 258 -29.41 15.60 -10.73
C VAL A 258 -28.01 15.55 -11.36
N VAL A 259 -27.06 16.22 -10.73
CA VAL A 259 -25.69 16.22 -11.23
C VAL A 259 -24.76 15.75 -10.14
N VAL A 260 -23.67 15.13 -10.54
CA VAL A 260 -22.69 14.63 -9.60
C VAL A 260 -21.47 15.51 -9.60
N LEU A 261 -20.85 15.71 -8.43
CA LEU A 261 -19.64 16.52 -8.34
C LEU A 261 -18.56 15.84 -9.16
N GLY A 262 -17.48 16.57 -9.42
CA GLY A 262 -16.39 15.99 -10.18
C GLY A 262 -15.48 15.22 -9.25
N SER A 263 -14.50 14.52 -9.80
CA SER A 263 -13.55 13.75 -9.01
C SER A 263 -13.03 14.56 -7.82
N GLN A 264 -12.74 13.86 -6.73
CA GLN A 264 -12.23 14.54 -5.54
C GLN A 264 -10.79 14.12 -5.26
N GLU A 265 -10.21 13.34 -6.18
CA GLU A 265 -8.84 12.89 -6.00
C GLU A 265 -7.95 14.11 -5.74
N GLY A 266 -8.16 15.16 -6.53
CA GLY A 266 -7.39 16.38 -6.38
C GLY A 266 -7.65 17.07 -5.06
N ALA A 267 -8.92 17.29 -4.74
CA ALA A 267 -9.26 17.94 -3.49
C ALA A 267 -8.65 17.17 -2.33
N MET A 268 -8.50 15.86 -2.51
CA MET A 268 -7.94 15.01 -1.49
C MET A 268 -6.42 15.20 -1.40
N HIS A 269 -5.74 15.00 -2.53
CA HIS A 269 -4.29 15.17 -2.61
C HIS A 269 -3.82 16.44 -1.92
N THR A 270 -4.20 17.58 -2.48
CA THR A 270 -3.81 18.87 -1.92
C THR A 270 -4.43 19.10 -0.55
N ALA A 271 -5.02 18.06 0.04
CA ALA A 271 -5.63 18.15 1.36
C ALA A 271 -4.82 17.32 2.35
N LEU A 272 -4.08 16.35 1.81
CA LEU A 272 -3.24 15.45 2.61
C LEU A 272 -1.82 16.00 2.79
N THR A 273 -1.48 17.04 2.04
CA THR A 273 -0.14 17.62 2.17
C THR A 273 0.07 17.94 3.65
N GLY A 274 1.18 17.43 4.21
CA GLY A 274 1.46 17.66 5.61
C GLY A 274 1.55 16.37 6.40
N ALA A 275 0.58 15.48 6.19
CA ALA A 275 0.54 14.19 6.88
C ALA A 275 1.65 13.27 6.37
N THR A 276 2.29 12.55 7.29
CA THR A 276 3.39 11.66 6.93
C THR A 276 3.04 10.67 5.82
N GLU A 277 3.77 10.75 4.72
CA GLU A 277 3.55 9.85 3.60
C GLU A 277 4.14 8.48 3.91
N ILE A 278 3.42 7.42 3.51
CA ILE A 278 3.89 6.06 3.78
C ILE A 278 4.17 5.31 2.49
N GLN A 279 5.38 4.79 2.38
CA GLN A 279 5.79 4.03 1.21
C GLN A 279 5.00 2.73 1.19
N MET A 280 5.05 2.03 0.05
CA MET A 280 4.35 0.76 -0.07
C MET A 280 4.63 0.08 -1.39
N SER A 281 4.33 -1.21 -1.46
CA SER A 281 4.54 -1.98 -2.67
C SER A 281 3.80 -3.31 -2.56
N SER A 282 3.37 -3.83 -3.70
CA SER A 282 2.65 -5.10 -3.74
C SER A 282 1.43 -5.02 -2.81
N GLY A 283 0.87 -3.82 -2.69
CA GLY A 283 -0.30 -3.63 -1.85
C GLY A 283 0.00 -3.53 -0.37
N ASN A 284 1.22 -3.89 0.02
CA ASN A 284 1.60 -3.84 1.42
C ASN A 284 2.21 -2.50 1.81
N LEU A 285 1.96 -2.08 3.04
CA LEU A 285 2.48 -0.82 3.55
C LEU A 285 3.84 -1.11 4.19
N LEU A 286 4.76 -0.17 4.07
CA LEU A 286 6.09 -0.34 4.65
C LEU A 286 6.35 0.72 5.69
N PHE A 287 7.09 0.34 6.73
CA PHE A 287 7.43 1.28 7.79
C PHE A 287 8.88 1.08 8.14
N THR A 288 9.40 1.98 8.96
CA THR A 288 10.77 1.88 9.42
C THR A 288 10.63 1.40 10.87
N GLY A 289 10.74 0.08 11.05
CA GLY A 289 10.60 -0.50 12.37
C GLY A 289 11.80 -0.42 13.30
N HIS A 290 11.57 -0.80 14.55
CA HIS A 290 12.60 -0.80 15.59
C HIS A 290 12.49 -2.11 16.37
N LEU A 291 13.57 -2.87 16.43
CA LEU A 291 13.54 -4.14 17.15
C LEU A 291 14.59 -4.29 18.23
N LYS A 292 14.25 -5.11 19.22
CA LYS A 292 15.14 -5.47 20.32
C LYS A 292 15.13 -6.99 20.24
N CYS A 293 16.30 -7.61 20.16
CA CYS A 293 16.33 -9.05 20.07
C CYS A 293 17.39 -9.62 20.99
N ARG A 294 17.27 -10.92 21.23
CA ARG A 294 18.22 -11.65 22.05
C ARG A 294 18.58 -12.89 21.26
N LEU A 295 19.86 -13.21 21.19
CA LEU A 295 20.26 -14.37 20.42
C LEU A 295 21.22 -15.25 21.19
N ARG A 296 21.25 -16.53 20.85
CA ARG A 296 22.10 -17.52 21.49
C ARG A 296 22.90 -18.20 20.38
N MET A 297 24.19 -18.42 20.63
CA MET A 297 25.10 -19.01 19.65
C MET A 297 25.61 -20.42 19.99
N ASP A 298 25.03 -21.04 21.02
CA ASP A 298 25.48 -22.36 21.42
C ASP A 298 25.41 -23.40 20.30
N LYS A 299 24.61 -23.14 19.26
CA LYS A 299 24.51 -24.09 18.15
C LYS A 299 25.31 -23.67 16.90
N LEU A 300 26.12 -22.64 17.04
CA LEU A 300 26.97 -22.16 15.95
C LEU A 300 28.37 -22.69 16.15
N GLN A 301 29.10 -22.88 15.06
CA GLN A 301 30.47 -23.31 15.19
C GLN A 301 31.21 -22.81 13.97
N LEU A 302 32.54 -22.76 14.08
CA LEU A 302 33.37 -22.28 12.98
C LEU A 302 33.38 -23.20 11.77
N LYS A 303 33.19 -22.61 10.60
CA LYS A 303 33.19 -23.38 9.35
C LYS A 303 34.62 -23.56 8.89
N GLY A 304 35.11 -24.81 8.89
CA GLY A 304 36.46 -25.03 8.43
C GLY A 304 37.46 -25.52 9.46
N MET A 305 37.04 -25.68 10.71
CA MET A 305 37.98 -26.19 11.70
C MET A 305 38.47 -27.53 11.18
N SER A 306 39.67 -27.92 11.61
CA SER A 306 40.27 -29.17 11.19
C SER A 306 40.68 -29.17 9.72
N TYR A 307 41.51 -28.20 9.37
CA TYR A 307 42.05 -28.06 8.03
C TYR A 307 43.53 -27.99 8.30
N SER A 308 44.29 -27.59 7.28
CA SER A 308 45.72 -27.46 7.43
C SER A 308 46.03 -25.96 7.55
N MET A 309 47.19 -25.62 8.09
CA MET A 309 47.57 -24.22 8.23
C MET A 309 48.33 -23.85 6.97
N CYS A 310 47.67 -23.12 6.05
CA CYS A 310 48.29 -22.74 4.79
C CYS A 310 49.77 -22.65 4.94
N THR A 311 50.51 -23.34 4.08
CA THR A 311 51.96 -23.24 4.14
C THR A 311 52.32 -22.73 2.75
N GLY A 312 52.25 -21.41 2.53
CA GLY A 312 52.55 -20.88 1.21
C GLY A 312 52.68 -19.37 1.09
N LYS A 313 52.17 -18.78 0.00
CA LYS A 313 52.26 -17.33 -0.21
C LYS A 313 50.99 -16.55 -0.56
N PHE A 314 51.02 -15.28 -0.18
CA PHE A 314 49.92 -14.37 -0.46
C PHE A 314 50.43 -13.03 -0.98
N LYS A 315 49.71 -12.49 -1.94
CA LYS A 315 50.05 -11.21 -2.51
C LYS A 315 48.87 -10.29 -2.20
N VAL A 316 49.10 -9.27 -1.41
CA VAL A 316 48.04 -8.34 -1.08
C VAL A 316 47.43 -7.86 -2.40
N VAL A 317 46.21 -8.30 -2.67
CA VAL A 317 45.51 -7.95 -3.90
C VAL A 317 45.56 -6.45 -4.23
N LYS A 318 45.31 -5.60 -3.25
CA LYS A 318 45.37 -4.16 -3.49
C LYS A 318 45.62 -3.39 -2.19
N GLU A 319 45.45 -2.07 -2.26
CA GLU A 319 45.67 -1.19 -1.12
C GLU A 319 44.86 -1.54 0.12
N ILE A 320 45.54 -1.79 1.23
CA ILE A 320 44.88 -2.09 2.49
C ILE A 320 43.91 -0.95 2.75
N ALA A 321 42.72 -1.29 3.24
CA ALA A 321 41.71 -0.28 3.49
C ALA A 321 41.40 -0.06 4.97
N GLU A 322 41.07 1.20 5.28
CA GLU A 322 40.70 1.60 6.64
C GLU A 322 39.20 1.77 6.65
N THR A 323 38.54 1.16 7.63
CA THR A 323 37.08 1.27 7.73
C THR A 323 36.72 2.43 8.64
N GLN A 324 35.43 2.66 8.78
CA GLN A 324 34.94 3.73 9.65
C GLN A 324 34.92 3.25 11.09
N HIS A 325 35.40 2.03 11.35
CA HIS A 325 35.34 1.49 12.71
C HIS A 325 36.64 1.03 13.35
N GLY A 326 37.71 1.78 13.12
CA GLY A 326 38.97 1.41 13.74
C GLY A 326 39.46 0.04 13.32
N THR A 327 39.07 -0.38 12.13
CA THR A 327 39.50 -1.68 11.64
C THR A 327 40.02 -1.59 10.23
N ILE A 328 40.64 -2.66 9.76
CA ILE A 328 41.19 -2.70 8.42
C ILE A 328 40.73 -3.92 7.64
N VAL A 329 40.68 -3.79 6.32
CA VAL A 329 40.28 -4.90 5.47
C VAL A 329 41.43 -5.26 4.52
N ILE A 330 42.10 -6.38 4.78
CA ILE A 330 43.21 -6.79 3.93
C ILE A 330 42.84 -7.89 2.93
N ARG A 331 42.95 -7.58 1.64
CA ARG A 331 42.66 -8.55 0.58
C ARG A 331 43.93 -9.36 0.32
N VAL A 332 43.82 -10.68 0.26
CA VAL A 332 45.00 -11.50 0.00
C VAL A 332 44.55 -12.71 -0.79
N GLN A 333 45.47 -13.31 -1.54
CA GLN A 333 45.13 -14.49 -2.32
C GLN A 333 46.34 -15.39 -2.37
N TYR A 334 46.12 -16.68 -2.11
CA TYR A 334 47.19 -17.65 -2.11
C TYR A 334 47.86 -17.58 -3.48
N GLY A 336 49.27 -19.49 -4.55
CA GLY A 336 50.06 -19.99 -3.43
C GLY A 336 50.06 -21.49 -3.11
N ASP A 337 51.11 -21.99 -2.47
CA ASP A 337 51.35 -23.39 -2.04
C ASP A 337 50.38 -24.23 -1.20
N GLY A 338 49.15 -24.46 -1.61
CA GLY A 338 48.35 -25.27 -0.70
C GLY A 338 46.88 -25.52 -0.94
N SER A 339 46.35 -26.33 -0.03
CA SER A 339 44.97 -26.76 -0.01
C SER A 339 44.11 -25.53 0.23
N PRO A 340 42.80 -25.70 0.19
CA PRO A 340 41.86 -24.60 0.44
C PRO A 340 42.19 -24.62 1.94
N CYS A 341 42.91 -23.61 2.45
CA CYS A 341 43.36 -23.67 3.84
C CYS A 341 43.10 -22.51 4.78
N LYS A 342 43.46 -22.74 6.04
CA LYS A 342 43.35 -21.75 7.11
C LYS A 342 44.44 -20.72 6.81
N ILE A 343 44.58 -19.76 7.12
CA ILE A 343 45.51 -18.65 6.94
C ILE A 343 46.21 -18.30 8.26
N PRO A 344 47.24 -18.12 8.34
CA PRO A 344 47.94 -17.65 9.56
C PRO A 344 47.93 -16.13 9.66
N PHE A 345 47.01 -15.61 10.46
CA PHE A 345 46.93 -14.18 10.64
C PHE A 345 47.34 -13.91 12.06
N GLU A 346 48.01 -12.80 12.27
CA GLU A 346 48.43 -12.46 13.61
C GLU A 346 48.99 -11.05 13.62
N ILE A 347 48.46 -10.23 14.51
CA ILE A 347 48.91 -8.85 14.65
C ILE A 347 49.74 -8.71 15.92
N MET A 348 51.03 -8.45 15.77
CA MET A 348 51.90 -8.32 16.93
C MET A 348 52.50 -6.94 17.03
N ASP A 349 53.40 -6.76 17.99
CA ASP A 349 54.07 -5.49 18.18
C ASP A 349 55.25 -5.40 17.19
N LEU A 350 55.96 -4.27 17.20
CA LEU A 350 57.10 -4.08 16.31
C LEU A 350 58.16 -5.14 16.52
N GLU A 351 58.23 -5.67 17.74
CA GLU A 351 59.22 -6.69 18.06
C GLU A 351 58.74 -8.10 17.83
N LYS A 352 57.49 -8.25 17.41
CA LYS A 352 56.93 -9.59 17.18
C LYS A 352 57.01 -10.44 18.45
N ARG A 353 56.89 -9.82 19.63
CA ARG A 353 56.95 -10.57 20.89
C ARG A 353 55.58 -10.98 21.42
N HIS A 354 54.65 -10.04 21.51
CA HIS A 354 53.31 -10.36 22.00
C HIS A 354 52.23 -10.11 20.93
N VAL A 355 51.07 -10.72 21.13
CA VAL A 355 49.96 -10.58 20.20
C VAL A 355 49.16 -9.34 20.61
N LEU A 356 48.78 -8.56 19.61
CA LEU A 356 48.00 -7.35 19.85
C LEU A 356 46.79 -7.37 18.90
N GLY A 357 45.82 -6.49 19.13
CA GLY A 357 44.66 -6.47 18.26
C GLY A 357 43.93 -7.81 18.18
N ARG A 358 42.97 -7.90 17.25
CA ARG A 358 42.19 -9.12 17.05
C ARG A 358 41.45 -9.10 15.72
N LEU A 359 41.04 -10.29 15.31
CA LEU A 359 40.32 -10.48 14.06
C LEU A 359 38.83 -10.33 14.25
N ILE A 360 38.17 -9.75 13.24
CA ILE A 360 36.71 -9.59 13.22
C ILE A 360 36.28 -10.75 12.31
N THR A 361 37.10 -11.02 11.31
CA THR A 361 36.93 -12.15 10.41
C THR A 361 37.58 -13.22 11.27
N VAL A 362 36.94 -14.37 11.43
CA VAL A 362 37.57 -15.36 12.28
C VAL A 362 37.79 -16.62 11.46
N ASN A 363 38.82 -17.37 11.80
CA ASN A 363 39.21 -18.58 11.07
C ASN A 363 39.17 -18.27 9.58
N PRO A 364 39.87 -17.22 9.17
CA PRO A 364 39.93 -16.80 7.78
C PRO A 364 40.50 -17.96 6.98
N ILE A 365 39.90 -18.23 5.83
CA ILE A 365 40.35 -19.36 5.03
C ILE A 365 40.29 -19.08 3.53
N VAL A 366 41.06 -19.85 2.77
CA VAL A 366 41.10 -19.72 1.32
C VAL A 366 40.32 -20.88 0.68
N THR A 367 39.41 -20.54 -0.22
CA THR A 367 38.61 -21.55 -0.91
C THR A 367 39.19 -21.92 -2.26
N GLU A 368 39.80 -20.94 -2.93
CA GLU A 368 40.37 -21.18 -4.25
C GLU A 368 41.72 -20.51 -4.47
N LYS A 369 42.45 -21.02 -5.45
CA LYS A 369 43.73 -20.45 -5.82
C LYS A 369 43.29 -19.22 -6.61
N ASP A 370 43.81 -18.06 -6.28
CA ASP A 370 43.40 -16.82 -6.95
C ASP A 370 41.93 -16.54 -6.66
N SER A 371 41.65 -16.31 -5.38
CA SER A 371 40.31 -15.99 -4.89
C SER A 371 40.52 -14.98 -3.78
N PRO A 372 40.52 -13.68 -4.11
CA PRO A 372 40.72 -12.63 -3.10
C PRO A 372 39.95 -12.87 -1.80
N VAL A 373 40.67 -13.15 -0.73
CA VAL A 373 40.02 -13.40 0.53
C VAL A 373 40.11 -12.18 1.44
N ASN A 374 39.08 -11.35 1.42
CA ASN A 374 39.07 -10.16 2.27
C ASN A 374 39.11 -10.58 3.74
N ILE A 375 39.81 -9.79 4.54
CA ILE A 375 39.92 -10.06 5.98
C ILE A 375 39.84 -8.76 6.75
N GLU A 376 38.86 -8.67 7.66
CA GLU A 376 38.72 -7.48 8.48
C GLU A 376 39.35 -7.76 9.83
N ALA A 377 40.23 -6.86 10.24
CA ALA A 377 40.89 -7.03 11.53
C ALA A 377 40.96 -5.71 12.27
N GLU A 378 41.21 -5.81 13.57
CA GLU A 378 41.32 -4.62 14.39
C GLU A 378 42.75 -4.52 14.93
N PRO A 379 43.55 -3.58 14.37
CA PRO A 379 44.94 -3.39 14.82
C PRO A 379 44.93 -2.57 16.10
N PRO A 380 45.91 -2.80 16.99
CA PRO A 380 45.89 -1.98 18.22
C PRO A 380 46.19 -0.55 17.82
N PHE A 381 46.07 0.38 18.76
CA PHE A 381 46.37 1.77 18.43
C PHE A 381 47.88 1.91 18.34
N GLY A 382 48.35 2.76 17.44
CA GLY A 382 49.79 2.92 17.28
C GLY A 382 50.39 2.00 16.23
N ASP A 383 51.57 1.46 16.54
CA ASP A 383 52.31 0.59 15.63
C ASP A 383 52.11 -0.90 15.88
N SER A 384 52.07 -1.65 14.79
CA SER A 384 51.89 -3.10 14.83
C SER A 384 52.29 -3.77 13.52
N TYR A 385 52.66 -5.05 13.60
CA TYR A 385 53.04 -5.82 12.43
C TYR A 385 51.91 -6.76 12.04
N ILE A 386 51.50 -6.71 10.78
CA ILE A 386 50.45 -7.60 10.34
C ILE A 386 51.14 -8.78 9.67
N ILE A 387 51.22 -9.89 10.40
CA ILE A 387 51.88 -11.09 9.92
C ILE A 387 50.96 -12.13 9.26
N ILE A 388 50.91 -12.09 7.94
CA ILE A 388 50.09 -13.00 7.15
C ILE A 388 50.94 -14.11 6.55
N GLY A 389 50.63 -15.37 6.86
CA GLY A 389 51.37 -16.47 6.26
C GLY A 389 52.44 -17.17 7.07
N VAL A 390 53.26 -17.96 6.38
CA VAL A 390 54.31 -18.72 7.02
C VAL A 390 55.71 -18.53 6.45
N GLU A 391 56.67 -19.28 7.01
CA GLU A 391 58.10 -19.21 6.67
C GLU A 391 58.87 -19.19 5.34
N PRO A 392 58.22 -18.83 4.24
CA PRO A 392 59.01 -18.75 3.00
C PRO A 392 59.01 -17.22 3.09
N GLY A 393 57.80 -16.65 2.97
CA GLY A 393 57.64 -15.21 3.11
C GLY A 393 56.54 -14.77 4.07
N GLN A 394 56.70 -15.01 5.37
CA GLN A 394 55.71 -14.55 6.36
C GLN A 394 55.62 -13.06 6.03
N LEU A 395 54.44 -12.57 5.69
CA LEU A 395 54.21 -11.19 5.27
C LEU A 395 54.17 -10.07 6.31
N LYS A 396 55.32 -9.52 6.69
CA LYS A 396 55.32 -8.44 7.68
C LYS A 396 54.88 -7.11 7.07
N LEU A 397 53.66 -6.68 7.42
CA LEU A 397 53.14 -5.40 6.93
C LEU A 397 53.06 -4.45 8.11
N ASN A 398 53.74 -3.31 8.02
CA ASN A 398 53.70 -2.35 9.12
C ASN A 398 52.38 -1.61 9.09
N TRP A 399 51.86 -1.26 10.26
CA TRP A 399 50.62 -0.51 10.31
C TRP A 399 50.58 0.45 11.49
N PHE A 400 50.04 1.63 11.23
CA PHE A 400 49.91 2.65 12.26
C PHE A 400 48.46 3.08 12.34
N LYS A 401 47.86 2.91 13.50
CA LYS A 401 46.47 3.28 13.69
C LYS A 401 46.37 4.58 14.50
N LYS A 402 45.86 5.62 13.86
CA LYS A 402 45.70 6.93 14.48
C LYS A 402 44.24 7.16 14.84
N PHE B 1 -39.67 6.14 -32.21
CA PHE B 1 -39.50 5.75 -30.77
C PHE B 1 -40.05 4.36 -30.47
N HIS B 2 -39.46 3.71 -29.47
CA HIS B 2 -39.90 2.39 -29.06
C HIS B 2 -41.02 2.52 -28.02
N LEU B 3 -42.17 1.94 -28.31
CA LEU B 3 -43.28 1.99 -27.38
C LEU B 3 -43.31 0.73 -26.51
N THR B 4 -43.20 0.94 -25.19
CA THR B 4 -43.19 -0.13 -24.20
C THR B 4 -44.13 0.31 -23.07
N THR B 5 -44.00 -0.26 -21.86
CA THR B 5 -44.85 0.14 -20.75
C THR B 5 -44.09 0.23 -19.42
N ARG B 6 -44.67 0.94 -18.47
CA ARG B 6 -44.09 1.09 -17.13
C ARG B 6 -45.25 1.03 -16.15
N ASN B 7 -45.51 -0.16 -15.62
CA ASN B 7 -46.60 -0.35 -14.68
C ASN B 7 -47.95 -0.08 -15.35
N GLY B 8 -48.20 -0.78 -16.45
CA GLY B 8 -49.47 -0.64 -17.14
C GLY B 8 -49.59 0.61 -17.97
N GLU B 9 -48.73 1.59 -17.72
CA GLU B 9 -48.79 2.83 -18.46
C GLU B 9 -47.84 2.85 -19.66
N PRO B 10 -48.24 3.52 -20.75
CA PRO B 10 -47.37 3.59 -21.93
C PRO B 10 -46.06 4.36 -21.64
N HIS B 11 -44.96 3.87 -22.21
CA HIS B 11 -43.64 4.46 -22.01
C HIS B 11 -42.95 4.68 -23.37
N MET B 12 -42.44 5.89 -23.60
CA MET B 12 -41.79 6.21 -24.87
C MET B 12 -40.27 6.36 -24.78
N ILE B 13 -39.55 5.51 -25.49
CA ILE B 13 -38.10 5.59 -25.54
C ILE B 13 -37.87 6.41 -26.79
N VAL B 14 -37.57 7.70 -26.61
CA VAL B 14 -37.38 8.62 -27.72
C VAL B 14 -35.92 8.80 -28.13
N SER B 15 -35.65 8.62 -29.42
CA SER B 15 -34.29 8.76 -29.92
C SER B 15 -34.08 10.18 -30.43
N ARG B 16 -32.83 10.47 -30.78
CA ARG B 16 -32.42 11.79 -31.25
C ARG B 16 -33.13 12.33 -32.49
N GLN B 17 -33.37 11.46 -33.46
CA GLN B 17 -33.98 11.89 -34.71
C GLN B 17 -35.45 12.25 -34.60
N GLU B 18 -36.00 12.22 -33.40
CA GLU B 18 -37.42 12.55 -33.25
C GLU B 18 -37.64 13.92 -32.63
N LYS B 19 -36.55 14.59 -32.28
CA LYS B 19 -36.61 15.91 -31.69
C LYS B 19 -37.40 16.83 -32.62
N GLY B 20 -38.41 17.49 -32.09
CA GLY B 20 -39.18 18.41 -32.91
C GLY B 20 -40.36 17.84 -33.67
N LYS B 21 -40.67 16.57 -33.45
CA LYS B 21 -41.82 16.02 -34.15
C LYS B 21 -42.85 15.40 -33.22
N SER B 22 -44.11 15.62 -33.58
CA SER B 22 -45.26 15.13 -32.85
C SER B 22 -45.18 13.61 -32.66
N LEU B 23 -45.38 13.14 -31.43
CA LEU B 23 -45.31 11.72 -31.15
C LEU B 23 -46.71 11.10 -31.07
N LEU B 24 -47.03 10.24 -32.05
CA LEU B 24 -48.33 9.61 -32.12
C LEU B 24 -48.32 8.09 -31.96
N PHE B 25 -49.21 7.58 -31.13
CA PHE B 25 -49.34 6.13 -30.94
C PHE B 25 -50.75 5.77 -30.53
N LYS B 26 -51.30 4.79 -31.23
CA LYS B 26 -52.65 4.29 -31.03
C LYS B 26 -52.87 3.66 -29.65
N THR B 27 -54.06 3.87 -29.09
CA THR B 27 -54.45 3.31 -27.80
C THR B 27 -55.95 3.06 -27.80
N GLU B 28 -56.37 2.01 -27.09
CA GLU B 28 -57.77 1.65 -26.99
C GLU B 28 -58.70 2.88 -26.98
N ASP B 29 -58.28 3.93 -26.29
CA ASP B 29 -59.06 5.15 -26.17
C ASP B 29 -58.80 6.14 -27.30
N GLY B 30 -58.48 5.63 -28.49
CA GLY B 30 -58.19 6.50 -29.62
C GLY B 30 -56.70 6.76 -29.80
N VAL B 31 -56.39 7.72 -30.64
CA VAL B 31 -55.01 8.08 -30.94
C VAL B 31 -54.45 9.11 -29.95
N ASN B 32 -53.29 8.80 -29.38
CA ASN B 32 -52.66 9.69 -28.42
C ASN B 32 -51.55 10.54 -29.05
N MET B 33 -51.57 11.84 -28.76
CA MET B 33 -50.55 12.74 -29.30
C MET B 33 -49.76 13.40 -28.17
N CYS B 34 -48.52 12.97 -27.96
CA CYS B 34 -47.71 13.58 -26.92
C CYS B 34 -46.84 14.60 -27.60
N THR B 35 -46.49 15.64 -26.87
CA THR B 35 -45.66 16.71 -27.40
C THR B 35 -44.39 16.79 -26.57
N LEU B 36 -43.26 16.63 -27.24
CA LEU B 36 -41.97 16.67 -26.56
C LEU B 36 -41.29 17.98 -26.92
N MET B 37 -40.95 18.75 -25.90
CA MET B 37 -40.33 20.07 -26.04
C MET B 37 -39.00 20.11 -25.32
N ALA B 38 -38.51 18.97 -24.84
CA ALA B 38 -37.24 18.92 -24.10
C ALA B 38 -36.06 19.50 -24.89
N MET B 39 -35.51 20.59 -24.40
CA MET B 39 -34.38 21.24 -25.05
C MET B 39 -33.12 20.36 -25.00
N ASP B 40 -32.96 19.64 -23.88
CA ASP B 40 -31.80 18.77 -23.68
C ASP B 40 -31.89 17.38 -24.31
N LEU B 41 -32.92 17.14 -25.12
CA LEU B 41 -33.09 15.85 -25.78
C LEU B 41 -31.88 15.59 -26.69
N GLY B 42 -31.14 14.51 -26.43
CA GLY B 42 -29.99 14.20 -27.24
C GLY B 42 -29.95 12.79 -27.80
N GLU B 43 -28.80 12.14 -27.70
CA GLU B 43 -28.63 10.79 -28.22
C GLU B 43 -28.94 9.77 -27.12
N LEU B 44 -29.57 8.67 -27.47
CA LEU B 44 -29.88 7.64 -26.49
C LEU B 44 -28.59 7.02 -25.99
N CYS B 45 -28.34 7.11 -24.70
CA CYS B 45 -27.13 6.52 -24.13
C CYS B 45 -27.34 6.06 -22.69
N GLU B 46 -26.27 6.03 -21.92
CA GLU B 46 -26.34 5.60 -20.52
C GLU B 46 -26.97 6.67 -19.67
N ASP B 47 -26.72 7.93 -20.04
CA ASP B 47 -27.28 9.04 -19.30
C ASP B 47 -28.69 9.29 -19.79
N THR B 48 -29.64 8.55 -19.22
CA THR B 48 -31.03 8.70 -19.59
C THR B 48 -31.81 9.56 -18.62
N ILE B 49 -32.76 10.08 -18.86
CA ILE B 49 -33.72 10.55 -17.86
C ILE B 49 -35.14 10.11 -18.20
N THR B 50 -35.89 9.86 -17.33
CA THR B 50 -37.22 9.27 -17.43
C THR B 50 -38.21 9.97 -16.52
N TYR B 51 -39.32 10.41 -17.11
CA TYR B 51 -40.34 11.10 -16.34
C TYR B 51 -41.68 11.09 -17.06
N LYS B 52 -42.71 11.63 -16.41
CA LYS B 52 -44.04 11.60 -17.00
C LYS B 52 -44.58 12.84 -17.71
N CYS B 53 -45.28 12.57 -18.80
CA CYS B 53 -45.90 13.57 -19.63
C CYS B 53 -47.38 13.53 -19.27
N PRO B 54 -47.85 14.50 -18.47
CA PRO B 54 -49.25 14.57 -18.06
C PRO B 54 -50.29 14.77 -19.15
N LEU B 55 -51.51 14.40 -18.82
CA LEU B 55 -52.62 14.57 -19.72
C LEU B 55 -53.04 16.02 -19.51
N LEU B 56 -53.28 16.72 -20.61
CA LEU B 56 -53.66 18.11 -20.55
C LEU B 56 -54.83 18.38 -21.47
N ARG B 57 -55.98 18.64 -20.86
CA ARG B 57 -57.21 18.93 -21.60
C ARG B 57 -57.49 20.42 -21.45
N GLN B 58 -57.57 21.12 -22.59
CA GLN B 58 -57.84 22.56 -22.62
C GLN B 58 -57.25 23.36 -21.45
N ASN B 59 -55.95 23.19 -21.24
CA ASN B 59 -55.21 23.89 -20.20
C ASN B 59 -53.87 24.19 -20.84
N GLU B 60 -53.34 25.38 -20.59
CA GLU B 60 -52.04 25.72 -21.16
C GLU B 60 -50.96 25.03 -20.32
N PRO B 61 -49.87 24.59 -20.95
CA PRO B 61 -48.81 23.92 -20.18
C PRO B 61 -48.00 24.91 -19.35
N GLU B 62 -47.57 24.49 -18.19
CA GLU B 62 -46.79 25.34 -17.31
C GLU B 62 -45.74 24.52 -16.58
N ASP B 63 -44.50 24.99 -16.63
CA ASP B 63 -43.38 24.32 -15.97
C ASP B 63 -43.18 22.85 -16.39
N ILE B 64 -43.37 22.58 -17.69
CA ILE B 64 -43.18 21.23 -18.25
C ILE B 64 -42.78 21.29 -19.72
N ASP B 65 -42.12 20.23 -20.21
CA ASP B 65 -41.70 20.19 -21.60
C ASP B 65 -42.20 18.93 -22.30
N CYS B 66 -43.13 18.25 -21.65
CA CYS B 66 -43.72 17.05 -22.22
C CYS B 66 -45.15 16.89 -21.72
N TRP B 67 -46.05 16.55 -22.63
CA TRP B 67 -47.44 16.34 -22.28
C TRP B 67 -48.17 15.67 -23.42
N CYS B 68 -49.20 14.90 -23.08
CA CYS B 68 -50.00 14.20 -24.07
C CYS B 68 -51.43 14.73 -23.93
N ASN B 69 -52.28 14.47 -24.91
CA ASN B 69 -53.64 14.99 -24.85
C ASN B 69 -54.73 13.94 -24.76
N SER B 70 -54.39 12.70 -24.46
CA SER B 70 -55.42 11.68 -24.39
C SER B 70 -55.15 10.67 -23.30
N THR B 71 -53.87 10.41 -23.06
CA THR B 71 -53.49 9.46 -22.03
C THR B 71 -52.08 9.72 -21.54
N SER B 72 -51.95 10.01 -20.24
CA SER B 72 -50.66 10.26 -19.61
C SER B 72 -49.65 9.22 -20.07
N THR B 73 -48.45 9.66 -20.42
CA THR B 73 -47.41 8.75 -20.90
C THR B 73 -46.05 9.02 -20.27
N TRP B 74 -45.27 7.97 -20.05
CA TRP B 74 -43.94 8.14 -19.50
C TRP B 74 -43.03 8.34 -20.71
N VAL B 75 -41.92 9.07 -20.52
CA VAL B 75 -40.98 9.29 -21.61
C VAL B 75 -39.55 9.12 -21.10
N THR B 76 -38.70 8.62 -21.98
CA THR B 76 -37.29 8.42 -21.68
C THR B 76 -36.42 8.76 -22.88
N TYR B 77 -35.35 9.51 -22.62
CA TYR B 77 -34.42 9.87 -23.68
C TYR B 77 -33.03 10.13 -23.11
N GLY B 78 -32.01 10.02 -23.95
CA GLY B 78 -30.65 10.27 -23.49
C GLY B 78 -30.31 11.73 -23.67
N THR B 79 -29.24 12.19 -23.01
CA THR B 79 -28.80 13.57 -23.12
C THR B 79 -27.46 13.72 -23.86
N CYS B 80 -26.82 12.60 -24.17
CA CYS B 80 -25.54 12.60 -24.89
C CYS B 80 -25.63 13.34 -26.22
N THR B 81 -24.49 13.69 -26.79
CA THR B 81 -24.47 14.37 -28.09
C THR B 81 -23.35 13.86 -28.98
C1 NAG C . -31.74 1.95 -16.81
C2 NAG C . -32.37 0.56 -16.89
C3 NAG C . -31.46 -0.38 -17.67
C4 NAG C . -31.15 0.22 -19.05
C5 NAG C . -30.59 1.65 -18.89
C6 NAG C . -30.39 2.33 -20.24
C7 NAG C . -31.89 0.29 -14.53
C8 NAG C . -32.44 1.30 -13.54
N2 NAG C . -32.66 0.00 -15.58
O3 NAG C . -32.10 -1.64 -17.82
O4 NAG C . -31.18 -1.09 -19.65
O5 NAG C . -31.51 2.46 -18.13
O6 NAG C . -29.25 3.17 -20.22
O7 NAG C . -30.78 -0.20 -14.37
C1 NDG C . -31.74 -2.42 -20.27
C2 NDG C . -31.46 -1.93 -21.70
C3 NDG C . -32.71 -2.01 -22.58
C4 NDG C . -33.62 -3.16 -22.14
C5 NDG C . -34.06 -2.98 -20.67
C6 NDG C . -34.24 -4.30 -19.92
C7 NDG C . -30.05 -0.14 -22.51
C8 NDG C . -30.51 0.69 -23.70
O5 NDG C . -33.12 -2.19 -19.91
O3 NDG C . -32.33 -2.21 -23.93
O4 NDG C . -34.79 -3.21 -22.98
O6 NDG C . -34.10 -4.13 -18.53
O7 NDG C . -28.86 -0.41 -22.37
N2 NDG C . -31.05 -0.64 -21.82
C1 MAN C . -35.55 -4.40 -23.83
C2 MAN C . -36.99 -4.37 -24.37
C3 MAN C . -37.39 -5.77 -24.85
C4 MAN C . -36.39 -6.26 -25.91
C5 MAN C . -34.96 -6.20 -25.34
C6 MAN C . -33.89 -6.57 -26.35
O2 MAN C . -37.08 -3.44 -25.44
O3 MAN C . -38.82 -5.77 -25.24
O4 MAN C . -36.71 -7.59 -26.28
O5 MAN C . -34.67 -4.87 -24.86
O6 MAN C . -33.32 -5.38 -26.94
C1 MAN C . -39.84 -5.41 -25.26
C2 MAN C . -40.69 -4.16 -24.99
C3 MAN C . -42.08 -4.26 -25.64
C4 MAN C . -42.01 -5.13 -26.88
C5 MAN C . -41.62 -6.56 -26.50
C6 MAN C . -42.01 -7.84 -27.01
O2 MAN C . -40.02 -3.00 -25.49
O3 MAN C . -42.55 -2.96 -25.97
O4 MAN C . -43.28 -5.13 -27.54
O5 MAN C . -40.68 -6.58 -25.40
O6 MAN C . -41.32 -8.98 -26.78
C1 NDG D . -55.95 14.31 -29.73
C2 NDG D . -57.14 13.51 -30.24
C3 NDG D . -56.59 12.39 -31.13
C4 NDG D . -55.67 12.95 -32.24
C5 NDG D . -54.62 13.90 -31.65
C6 NDG D . -53.82 14.63 -32.71
C7 NDG D . -58.11 13.71 -28.04
C8 NDG D . -58.49 13.00 -26.76
O5 NDG D . -55.25 14.90 -30.83
O3 NDG D . -57.67 11.70 -31.73
O4 NDG D . -55.01 11.89 -32.90
O6 NDG D . -54.30 14.32 -34.01
O7 NDG D . -58.04 14.94 -28.06
N2 NDG D . -57.88 12.96 -29.12
O1 NDG D . -55.09 13.45 -29.09
C1 NAG E . -58.50 11.72 -34.31
C2 NAG E . -58.27 10.35 -34.95
C3 NAG E . -56.76 10.15 -35.14
C4 NAG E . -56.17 11.30 -35.97
C5 NAG E . -56.55 12.66 -35.36
C6 NAG E . -56.15 13.82 -36.24
C7 NAG E . -59.02 9.36 -32.85
C8 NAG E . -60.40 9.70 -32.34
N2 NAG E . -58.86 9.27 -34.17
O1 NAG E . -59.86 11.94 -34.14
O3 NAG E . -56.52 8.92 -35.81
O4 NAG E . -54.74 11.17 -36.03
O5 NAG E . -57.98 12.75 -35.16
O6 NAG E . -55.10 13.45 -37.14
O7 NAG E . -58.10 9.16 -32.05
#